data_4YQN
#
_entry.id   4YQN
#
_cell.length_a   94.684
_cell.length_b   94.684
_cell.length_c   177.761
_cell.angle_alpha   90.000
_cell.angle_beta   90.000
_cell.angle_gamma   120.000
#
_symmetry.space_group_name_H-M   'H 3 2'
#
loop_
_entity.id
_entity.type
_entity.pdbx_description
1 polymer 'tRNA (guanine-N(1)-)-methyltransferase'
2 non-polymer 6-{[(1R,3S,4R)-3-hydroxy-4-(hydroxymethyl)cyclopentyl]amino}pyridine-3-carboxamide
3 water water
#
_entity_poly.entity_id   1
_entity_poly.type   'polypeptide(L)'
_entity_poly.pdbx_seq_one_letter_code
;GLVPRGSHMWIGVISLFPEMFKAITEFGVTGRAVKHNLLKVECWNPRDFTFDKHKTVDDRPYGGGPGMLMMVQPLRDAIH
TAKAAAGEGAKVIYLSPQGRKLDQGGVTELAQNQKLILVCGRYEGIDERLIQTEIDEEWSIGDYVLTGGELPAMTLIDAV
ARFIPGVLGKQASAEEDSFADGLLDCPHYTRPEVLEGLTVPPVLMSGHHEEIRKWRLKQSLQRTWLRRPELLEGLALTDE
QRKLLKEAQAEHNS
;
_entity_poly.pdbx_strand_id   A
#
# COMPACT_ATOMS: atom_id res chain seq x y z
N GLY A 6 19.40 -3.24 -8.07
CA GLY A 6 19.24 -2.76 -9.43
C GLY A 6 18.34 -1.54 -9.43
N SER A 7 17.04 -1.77 -9.56
CA SER A 7 16.06 -0.71 -9.37
C SER A 7 15.60 -0.68 -7.90
N HIS A 8 16.52 -0.95 -6.99
CA HIS A 8 16.18 -1.06 -5.57
C HIS A 8 15.56 0.22 -5.00
N MET A 9 14.98 0.11 -3.81
CA MET A 9 14.19 1.20 -3.28
C MET A 9 14.56 1.45 -1.84
N TRP A 10 14.69 2.73 -1.48
CA TRP A 10 15.00 3.10 -0.11
C TRP A 10 13.80 3.81 0.49
N ILE A 11 13.37 3.36 1.66
CA ILE A 11 12.20 3.99 2.27
C ILE A 11 12.53 4.41 3.69
N GLY A 12 12.50 5.71 3.92
CA GLY A 12 12.65 6.25 5.25
C GLY A 12 11.30 6.30 5.96
N VAL A 13 11.31 6.04 7.26
CA VAL A 13 10.08 6.01 8.03
C VAL A 13 10.26 6.81 9.32
N ILE A 14 9.33 7.72 9.57
CA ILE A 14 9.28 8.43 10.84
C ILE A 14 8.14 7.84 11.66
N SER A 15 8.44 7.28 12.82
CA SER A 15 7.44 6.55 13.60
C SER A 15 7.83 6.41 15.06
N LEU A 16 6.84 6.61 15.94
CA LEU A 16 7.00 6.37 17.37
C LEU A 16 7.09 4.89 17.73
N PHE A 17 6.73 4.02 16.78
CA PHE A 17 6.80 2.57 16.98
C PHE A 17 7.49 1.83 15.82
N PRO A 18 8.81 2.06 15.65
CA PRO A 18 9.62 1.51 14.56
C PRO A 18 9.60 -0.01 14.52
N GLU A 19 9.48 -0.63 15.69
CA GLU A 19 9.42 -2.09 15.77
C GLU A 19 8.22 -2.72 15.06
N MET A 20 7.16 -1.94 14.88
CA MET A 20 6.03 -2.43 14.06
C MET A 20 6.50 -2.86 12.66
N PHE A 21 7.51 -2.18 12.12
CA PHE A 21 7.94 -2.43 10.76
C PHE A 21 8.63 -3.78 10.53
N LYS A 22 9.03 -4.45 11.62
CA LYS A 22 9.49 -5.84 11.56
C LYS A 22 8.49 -6.72 10.84
N ALA A 23 7.21 -6.36 10.91
CA ALA A 23 6.16 -7.14 10.29
C ALA A 23 6.42 -7.27 8.79
N ILE A 24 6.96 -6.23 8.17
CA ILE A 24 7.34 -6.34 6.76
C ILE A 24 8.82 -6.64 6.51
N THR A 25 9.69 -6.22 7.42
CA THR A 25 11.12 -6.38 7.15
C THR A 25 11.66 -7.76 7.50
N GLU A 26 10.94 -8.51 8.32
CA GLU A 26 11.42 -9.82 8.77
C GLU A 26 10.65 -11.03 8.23
N PHE A 27 9.61 -10.81 7.42
CA PHE A 27 8.73 -11.91 7.02
C PHE A 27 8.32 -11.89 5.55
N GLY A 28 8.22 -13.08 4.96
CA GLY A 28 7.64 -13.25 3.64
C GLY A 28 8.43 -12.59 2.53
N VAL A 29 7.74 -12.31 1.43
CA VAL A 29 8.35 -11.70 0.26
C VAL A 29 9.07 -10.38 0.56
N THR A 30 8.44 -9.51 1.35
CA THR A 30 9.08 -8.24 1.70
C THR A 30 10.30 -8.48 2.60
N GLY A 31 10.22 -9.47 3.48
CA GLY A 31 11.36 -9.81 4.32
C GLY A 31 12.54 -10.25 3.46
N ARG A 32 12.25 -11.04 2.42
CA ARG A 32 13.29 -11.50 1.50
C ARG A 32 13.87 -10.32 0.73
N ALA A 33 12.99 -9.42 0.30
CA ALA A 33 13.42 -8.22 -0.42
C ALA A 33 14.41 -7.42 0.39
N VAL A 34 14.14 -7.26 1.68
CA VAL A 34 15.03 -6.55 2.59
C VAL A 34 16.37 -7.27 2.77
N LYS A 35 16.32 -8.57 3.03
CA LYS A 35 17.55 -9.36 3.21
C LYS A 35 18.45 -9.32 1.95
N HIS A 36 17.83 -9.34 0.77
CA HIS A 36 18.56 -9.31 -0.49
C HIS A 36 18.90 -7.87 -0.95
N ASN A 37 18.65 -6.88 -0.11
CA ASN A 37 18.96 -5.48 -0.42
C ASN A 37 18.25 -4.91 -1.63
N LEU A 38 17.07 -5.42 -1.92
CA LEU A 38 16.26 -4.82 -2.99
C LEU A 38 15.43 -3.71 -2.37
N LEU A 39 15.19 -3.85 -1.07
CA LEU A 39 14.39 -2.90 -0.31
C LEU A 39 15.12 -2.56 0.97
N LYS A 40 15.19 -1.28 1.26
CA LYS A 40 15.80 -0.81 2.49
C LYS A 40 14.78 0.05 3.19
N VAL A 41 14.47 -0.29 4.43
CA VAL A 41 13.54 0.48 5.23
C VAL A 41 14.33 0.99 6.42
N GLU A 42 14.37 2.31 6.58
CA GLU A 42 15.14 2.94 7.64
C GLU A 42 14.23 3.84 8.50
N CYS A 43 14.23 3.61 9.81
CA CYS A 43 13.30 4.27 10.73
C CYS A 43 13.98 5.28 11.65
N TRP A 44 13.31 6.40 11.84
CA TRP A 44 13.68 7.40 12.84
C TRP A 44 12.49 7.61 13.79
N ASN A 45 12.78 7.67 15.09
CA ASN A 45 11.75 7.79 16.12
C ASN A 45 11.81 9.16 16.79
N PRO A 46 10.73 9.95 16.69
CA PRO A 46 10.69 11.31 17.29
C PRO A 46 11.06 11.31 18.76
N ARG A 47 10.83 10.20 19.45
CA ARG A 47 11.20 10.07 20.85
C ARG A 47 12.71 10.25 21.04
N ASP A 48 13.50 9.82 20.05
CA ASP A 48 14.95 9.98 20.14
C ASP A 48 15.39 11.45 19.99
N PHE A 49 14.45 12.31 19.61
CA PHE A 49 14.76 13.73 19.34
C PHE A 49 14.23 14.66 20.42
N THR A 50 13.71 14.09 21.50
CA THR A 50 13.22 14.90 22.60
C THR A 50 14.40 15.25 23.51
N PHE A 51 14.21 16.25 24.36
CA PHE A 51 15.27 16.67 25.26
C PHE A 51 14.79 16.76 26.70
N ASP A 52 13.49 16.64 26.92
CA ASP A 52 12.98 16.68 28.28
C ASP A 52 13.14 15.31 28.93
N LYS A 53 13.14 15.31 30.26
CA LYS A 53 13.37 14.11 31.05
C LYS A 53 12.43 12.97 30.69
N HIS A 54 11.18 13.30 30.42
CA HIS A 54 10.18 12.26 30.15
C HIS A 54 9.98 11.97 28.66
N LYS A 55 10.86 12.52 27.81
CA LYS A 55 10.83 12.25 26.38
C LYS A 55 9.43 12.44 25.81
N THR A 56 8.89 13.64 25.99
CA THR A 56 7.52 13.95 25.59
C THR A 56 7.39 14.10 24.08
N VAL A 57 6.47 13.35 23.48
CA VAL A 57 6.28 13.37 22.03
C VAL A 57 4.89 13.81 21.59
N ASP A 58 4.04 14.16 22.56
CA ASP A 58 2.73 14.74 22.24
C ASP A 58 2.61 16.16 22.79
N ASP A 59 1.60 16.89 22.33
CA ASP A 59 1.40 18.29 22.76
C ASP A 59 -0.08 18.66 22.58
N ARG A 60 -0.52 19.68 23.31
CA ARG A 60 -1.95 20.06 23.34
C ARG A 60 -2.34 20.84 22.10
N PRO A 61 -3.52 20.54 21.56
CA PRO A 61 -3.97 21.31 20.40
C PRO A 61 -4.48 22.69 20.79
N TYR A 62 -4.11 23.71 20.02
CA TYR A 62 -4.75 25.00 20.19
C TYR A 62 -6.22 24.89 19.86
N GLY A 63 -7.04 25.55 20.67
CA GLY A 63 -8.48 25.61 20.45
C GLY A 63 -9.20 24.59 21.29
N GLY A 64 -8.42 23.83 22.06
CA GLY A 64 -9.01 22.79 22.87
C GLY A 64 -9.35 21.60 22.00
N GLY A 65 -9.98 20.60 22.60
CA GLY A 65 -10.30 19.39 21.87
C GLY A 65 -10.06 18.17 22.73
N PRO A 66 -10.64 17.04 22.33
CA PRO A 66 -10.53 15.77 23.06
C PRO A 66 -9.08 15.28 23.24
N GLY A 67 -8.30 15.30 22.17
CA GLY A 67 -7.01 14.62 22.21
C GLY A 67 -5.77 15.49 22.14
N MET A 68 -4.66 14.83 21.82
CA MET A 68 -3.36 15.48 21.69
C MET A 68 -2.89 15.38 20.25
N LEU A 69 -1.88 16.16 19.91
CA LEU A 69 -1.21 16.04 18.61
C LEU A 69 0.21 15.59 18.85
N MET A 70 0.87 15.18 17.79
CA MET A 70 2.31 14.96 17.88
CA MET A 70 2.32 14.97 17.80
C MET A 70 3.00 16.29 18.14
N MET A 71 3.93 16.26 19.08
CA MET A 71 4.71 17.45 19.41
C MET A 71 5.55 17.85 18.20
N VAL A 72 5.54 19.13 17.87
CA VAL A 72 6.22 19.61 16.67
C VAL A 72 7.73 19.36 16.64
N GLN A 73 8.45 19.81 17.67
CA GLN A 73 9.92 19.81 17.63
C GLN A 73 10.54 18.41 17.43
N PRO A 74 10.14 17.41 18.23
CA PRO A 74 10.77 16.12 17.98
C PRO A 74 10.43 15.57 16.59
N LEU A 75 9.20 15.79 16.15
CA LEU A 75 8.75 15.23 14.89
C LEU A 75 9.43 15.92 13.73
N ARG A 76 9.51 17.24 13.80
CA ARG A 76 10.18 18.04 12.79
C ARG A 76 11.66 17.68 12.72
N ASP A 77 12.32 17.52 13.87
CA ASP A 77 13.73 17.15 13.88
C ASP A 77 13.94 15.74 13.28
N ALA A 78 13.05 14.80 13.58
CA ALA A 78 13.19 13.46 13.03
C ALA A 78 13.08 13.52 11.50
N ILE A 79 12.12 14.30 11.03
CA ILE A 79 11.89 14.43 9.59
C ILE A 79 13.13 15.00 8.89
N HIS A 80 13.72 16.05 9.47
CA HIS A 80 14.92 16.67 8.93
C HIS A 80 16.09 15.70 8.86
N THR A 81 16.25 14.89 9.90
CA THR A 81 17.28 13.87 9.92
C THR A 81 17.06 12.81 8.82
N ALA A 82 15.81 12.44 8.56
CA ALA A 82 15.54 11.51 7.47
C ALA A 82 15.84 12.11 6.09
N LYS A 83 15.44 13.37 5.88
CA LYS A 83 15.71 14.07 4.61
C LYS A 83 17.21 14.20 4.31
N ALA A 84 18.01 14.48 5.33
CA ALA A 84 19.45 14.62 5.14
C ALA A 84 20.11 13.29 4.82
N ALA A 85 19.62 12.21 5.41
CA ALA A 85 20.17 10.88 5.12
C ALA A 85 19.74 10.35 3.75
N ALA A 86 18.62 10.86 3.25
CA ALA A 86 18.09 10.39 1.97
C ALA A 86 18.80 11.11 0.82
N GLY A 87 19.24 12.32 1.10
CA GLY A 87 19.80 13.18 0.08
C GLY A 87 18.69 13.74 -0.78
N GLU A 88 19.02 14.12 -2.00
CA GLU A 88 18.08 14.79 -2.89
C GLU A 88 17.21 13.78 -3.63
N GLY A 89 15.99 14.20 -3.95
CA GLY A 89 15.07 13.36 -4.71
C GLY A 89 14.05 12.60 -3.86
N ALA A 90 14.19 12.66 -2.54
CA ALA A 90 13.27 11.94 -1.67
C ALA A 90 11.92 12.65 -1.58
N LYS A 91 10.86 11.93 -1.91
CA LYS A 91 9.49 12.44 -1.77
C LYS A 91 8.95 12.11 -0.36
N VAL A 92 8.51 13.14 0.37
CA VAL A 92 8.00 12.95 1.72
C VAL A 92 6.48 12.79 1.71
N ILE A 93 6.01 11.66 2.25
CA ILE A 93 4.58 11.35 2.25
C ILE A 93 4.03 11.28 3.66
N TYR A 94 2.87 11.90 3.88
CA TYR A 94 2.15 11.80 5.15
C TYR A 94 0.92 10.91 4.98
N LEU A 95 0.79 9.87 5.79
CA LEU A 95 -0.36 8.97 5.67
C LEU A 95 -1.53 9.46 6.52
N SER A 96 -2.69 9.67 5.89
CA SER A 96 -3.89 10.09 6.61
C SER A 96 -5.17 9.92 5.77
N PRO A 97 -6.34 9.84 6.43
CA PRO A 97 -7.61 9.77 5.70
C PRO A 97 -7.90 11.01 4.84
N GLN A 98 -7.18 12.11 5.07
CA GLN A 98 -7.42 13.33 4.30
C GLN A 98 -6.58 13.33 3.03
N GLY A 99 -5.82 12.28 2.83
CA GLY A 99 -4.94 12.22 1.67
C GLY A 99 -5.60 11.63 0.46
N ARG A 100 -4.89 11.67 -0.66
CA ARG A 100 -5.32 11.03 -1.91
C ARG A 100 -5.51 9.53 -1.71
N LYS A 101 -6.61 9.00 -2.23
CA LYS A 101 -6.93 7.61 -2.00
C LYS A 101 -5.99 6.71 -2.80
N LEU A 102 -5.30 5.82 -2.10
CA LEU A 102 -4.42 4.88 -2.78
C LEU A 102 -5.19 3.85 -3.61
N ASP A 103 -4.77 3.66 -4.85
CA ASP A 103 -5.23 2.53 -5.64
C ASP A 103 -4.03 2.02 -6.42
N GLN A 104 -4.24 1.03 -7.29
CA GLN A 104 -3.12 0.35 -7.92
C GLN A 104 -2.33 1.26 -8.87
N GLY A 105 -3.04 2.08 -9.64
CA GLY A 105 -2.40 3.11 -10.43
C GLY A 105 -1.53 4.00 -9.55
N GLY A 106 -2.09 4.44 -8.43
CA GLY A 106 -1.36 5.24 -7.46
C GLY A 106 -0.13 4.53 -6.92
N VAL A 107 -0.24 3.22 -6.67
CA VAL A 107 0.92 2.43 -6.23
C VAL A 107 2.06 2.46 -7.28
N THR A 108 1.70 2.30 -8.55
CA THR A 108 2.70 2.25 -9.61
C THR A 108 3.35 3.61 -9.81
N GLU A 109 2.59 4.68 -9.59
CA GLU A 109 3.15 6.02 -9.59
C GLU A 109 4.19 6.19 -8.49
N LEU A 110 3.84 5.80 -7.26
CA LEU A 110 4.75 5.87 -6.13
C LEU A 110 5.98 4.97 -6.34
N ALA A 111 5.80 3.85 -7.01
CA ALA A 111 6.91 2.92 -7.25
C ALA A 111 8.02 3.52 -8.13
N GLN A 112 7.75 4.63 -8.79
CA GLN A 112 8.73 5.28 -9.68
C GLN A 112 9.78 6.03 -8.88
N ASN A 113 9.50 6.27 -7.62
CA ASN A 113 10.42 6.98 -6.74
C ASN A 113 11.47 6.02 -6.22
N GLN A 114 12.73 6.44 -6.29
CA GLN A 114 13.80 5.59 -5.78
C GLN A 114 13.90 5.76 -4.28
N LYS A 115 13.44 6.92 -3.79
CA LYS A 115 13.47 7.24 -2.37
C LYS A 115 12.13 7.77 -1.89
N LEU A 116 11.63 7.22 -0.78
CA LEU A 116 10.45 7.77 -0.11
C LEU A 116 10.71 7.97 1.37
N ILE A 117 10.08 8.98 1.95
CA ILE A 117 10.07 9.14 3.39
C ILE A 117 8.61 9.13 3.81
N LEU A 118 8.24 8.21 4.71
CA LEU A 118 6.86 8.06 5.18
C LEU A 118 6.70 8.55 6.60
N VAL A 119 5.83 9.54 6.79
CA VAL A 119 5.62 10.09 8.12
C VAL A 119 4.36 9.49 8.73
N CYS A 120 4.49 8.81 9.88
CA CYS A 120 3.34 8.13 10.47
C CYS A 120 2.83 8.91 11.66
N GLY A 121 1.63 9.49 11.53
CA GLY A 121 1.06 10.24 12.64
C GLY A 121 0.51 9.32 13.72
N ARG A 122 0.48 9.81 14.96
CA ARG A 122 -0.20 9.13 16.07
C ARG A 122 -1.07 10.17 16.78
N TYR A 123 -1.80 9.75 17.81
CA TYR A 123 -2.74 10.64 18.51
C TYR A 123 -3.75 11.23 17.53
N GLU A 124 -4.05 12.54 17.63
CA GLU A 124 -5.04 13.14 16.74
C GLU A 124 -4.43 13.69 15.45
N GLY A 125 -3.14 13.46 15.23
CA GLY A 125 -2.50 13.88 14.00
C GLY A 125 -1.29 14.77 14.23
N ILE A 126 -0.93 15.54 13.22
CA ILE A 126 0.21 16.44 13.31
C ILE A 126 -0.21 17.86 12.94
N ASP A 127 0.63 18.81 13.35
CA ASP A 127 0.41 20.24 13.05
C ASP A 127 0.28 20.50 11.56
N GLU A 128 -0.77 21.23 11.18
CA GLU A 128 -1.03 21.55 9.78
C GLU A 128 0.14 22.26 9.08
N ARG A 129 0.91 23.05 9.83
CA ARG A 129 2.05 23.75 9.26
C ARG A 129 3.20 22.82 8.85
N LEU A 130 3.36 21.70 9.54
CA LEU A 130 4.35 20.70 9.13
C LEU A 130 3.94 20.03 7.83
N ILE A 131 2.64 19.87 7.63
CA ILE A 131 2.17 19.32 6.37
C ILE A 131 2.52 20.30 5.25
N GLN A 132 2.26 21.58 5.48
CA GLN A 132 2.57 22.60 4.48
C GLN A 132 4.07 22.70 4.18
N THR A 133 4.91 22.63 5.21
CA THR A 133 6.34 22.91 5.05
C THR A 133 7.20 21.66 4.85
N GLU A 134 6.71 20.49 5.26
CA GLU A 134 7.55 19.30 5.23
C GLU A 134 7.03 18.18 4.34
N ILE A 135 5.72 18.20 4.03
CA ILE A 135 5.14 17.08 3.29
C ILE A 135 4.96 17.40 1.80
N ASP A 136 5.36 16.46 0.95
CA ASP A 136 5.15 16.65 -0.48
C ASP A 136 3.74 16.19 -0.88
N GLU A 137 3.33 15.02 -0.38
CA GLU A 137 2.03 14.45 -0.75
C GLU A 137 1.35 13.76 0.43
N GLU A 138 0.04 13.92 0.50
CA GLU A 138 -0.74 13.23 1.52
C GLU A 138 -1.51 12.09 0.85
N TRP A 139 -1.41 10.90 1.40
CA TRP A 139 -2.09 9.72 0.82
C TRP A 139 -2.90 8.97 1.88
N SER A 140 -4.01 8.37 1.45
CA SER A 140 -4.82 7.51 2.30
C SER A 140 -4.90 6.14 1.68
N ILE A 141 -4.89 5.09 2.50
CA ILE A 141 -5.03 3.73 1.98
C ILE A 141 -6.49 3.32 1.89
N GLY A 142 -7.39 4.18 2.36
CA GLY A 142 -8.81 3.89 2.32
C GLY A 142 -9.58 4.80 3.27
N ASP A 143 -10.89 4.87 3.11
CA ASP A 143 -11.75 5.78 3.89
C ASP A 143 -12.16 5.21 5.23
N TYR A 144 -11.17 5.01 6.09
CA TYR A 144 -11.40 4.54 7.45
C TYR A 144 -10.29 5.12 8.30
N VAL A 145 -10.55 5.19 9.60
CA VAL A 145 -9.66 5.82 10.57
C VAL A 145 -8.93 4.75 11.39
N LEU A 146 -7.63 4.92 11.54
CA LEU A 146 -6.80 3.97 12.29
C LEU A 146 -6.10 4.68 13.44
N THR A 147 -5.55 3.92 14.38
CA THR A 147 -4.89 4.53 15.53
C THR A 147 -3.54 5.18 15.17
N GLY A 148 -3.01 4.87 14.00
CA GLY A 148 -1.74 5.43 13.59
C GLY A 148 -1.42 5.15 12.14
N GLY A 149 -0.46 5.88 11.58
CA GLY A 149 -0.13 5.78 10.17
C GLY A 149 0.82 4.65 9.83
N GLU A 150 1.23 3.87 10.82
CA GLU A 150 2.21 2.79 10.58
C GLU A 150 1.63 1.68 9.68
N LEU A 151 0.43 1.21 10.00
CA LEU A 151 -0.17 0.20 9.13
C LEU A 151 -0.36 0.69 7.70
N PRO A 152 -0.87 1.93 7.51
CA PRO A 152 -0.92 2.46 6.14
C PRO A 152 0.46 2.58 5.49
N ALA A 153 1.47 2.99 6.24
CA ALA A 153 2.81 3.09 5.70
C ALA A 153 3.34 1.71 5.27
N MET A 154 3.09 0.69 6.10
CA MET A 154 3.52 -0.67 5.76
C MET A 154 2.75 -1.21 4.58
N THR A 155 1.46 -0.90 4.56
CA THR A 155 0.62 -1.26 3.43
C THR A 155 1.18 -0.69 2.12
N LEU A 156 1.56 0.58 2.13
CA LEU A 156 2.13 1.23 0.94
C LEU A 156 3.49 0.62 0.57
N ILE A 157 4.31 0.30 1.57
CA ILE A 157 5.62 -0.30 1.32
C ILE A 157 5.51 -1.66 0.65
N ASP A 158 4.61 -2.50 1.17
CA ASP A 158 4.36 -3.82 0.63
C ASP A 158 3.88 -3.71 -0.84
N ALA A 159 2.94 -2.82 -1.09
CA ALA A 159 2.39 -2.65 -2.44
C ALA A 159 3.43 -2.20 -3.48
N VAL A 160 4.28 -1.23 -3.12
CA VAL A 160 5.31 -0.75 -4.05
C VAL A 160 6.45 -1.74 -4.19
N ALA A 161 6.73 -2.48 -3.12
CA ALA A 161 7.76 -3.51 -3.17
C ALA A 161 7.52 -4.50 -4.30
N ARG A 162 6.26 -4.83 -4.58
CA ARG A 162 5.95 -5.82 -5.61
C ARG A 162 6.38 -5.36 -7.02
N PHE A 163 6.67 -4.07 -7.16
CA PHE A 163 7.10 -3.51 -8.43
C PHE A 163 8.62 -3.37 -8.55
N ILE A 164 9.33 -3.72 -7.49
CA ILE A 164 10.79 -3.70 -7.53
C ILE A 164 11.20 -4.99 -8.20
N PRO A 165 12.07 -4.90 -9.22
CA PRO A 165 12.50 -6.12 -9.92
C PRO A 165 13.24 -7.05 -8.98
N GLY A 166 12.94 -8.34 -9.05
CA GLY A 166 13.60 -9.34 -8.21
C GLY A 166 12.77 -9.72 -6.99
N VAL A 167 11.82 -8.86 -6.62
CA VAL A 167 11.04 -9.10 -5.42
C VAL A 167 10.04 -10.24 -5.62
N LEU A 168 9.31 -10.20 -6.73
CA LEU A 168 8.40 -11.27 -7.09
C LEU A 168 9.10 -12.35 -7.91
N GLY A 169 8.33 -13.29 -8.46
CA GLY A 169 8.88 -14.29 -9.34
C GLY A 169 9.23 -13.72 -10.71
N ASP A 181 -5.29 -6.55 -15.21
CA ASP A 181 -5.41 -5.37 -16.06
C ASP A 181 -6.71 -4.60 -15.77
N GLY A 182 -6.89 -4.20 -14.51
CA GLY A 182 -8.07 -3.46 -14.11
C GLY A 182 -9.25 -4.33 -13.70
N LEU A 183 -9.09 -5.65 -13.78
CA LEU A 183 -10.17 -6.57 -13.41
C LEU A 183 -9.87 -7.33 -12.11
N LEU A 184 -10.93 -7.79 -11.44
CA LEU A 184 -10.76 -8.69 -10.31
C LEU A 184 -10.15 -9.99 -10.79
N ASP A 185 -9.44 -10.67 -9.90
CA ASP A 185 -8.77 -11.93 -10.22
C ASP A 185 -9.81 -13.03 -10.50
N CYS A 186 -9.43 -14.03 -11.30
CA CYS A 186 -10.28 -15.20 -11.50
C CYS A 186 -10.18 -16.11 -10.29
N PRO A 187 -11.13 -17.05 -10.12
CA PRO A 187 -10.99 -18.09 -9.09
C PRO A 187 -9.85 -19.06 -9.41
N HIS A 188 -9.20 -19.60 -8.37
CA HIS A 188 -8.07 -20.50 -8.54
C HIS A 188 -8.39 -21.78 -7.81
N TYR A 189 -7.81 -22.89 -8.26
CA TYR A 189 -8.06 -24.20 -7.66
C TYR A 189 -6.75 -24.97 -7.55
N THR A 190 -6.66 -25.78 -6.50
CA THR A 190 -5.52 -26.68 -6.27
C THR A 190 -6.08 -27.99 -5.71
N ARG A 191 -5.22 -28.94 -5.39
CA ARG A 191 -5.68 -30.23 -4.83
C ARG A 191 -6.56 -30.03 -3.59
N PRO A 192 -7.54 -30.93 -3.39
CA PRO A 192 -7.88 -32.09 -4.20
C PRO A 192 -8.90 -31.77 -5.30
N GLU A 193 -9.01 -32.70 -6.25
CA GLU A 193 -9.91 -32.55 -7.39
C GLU A 193 -11.37 -32.37 -6.95
N VAL A 194 -11.76 -33.03 -5.86
CA VAL A 194 -13.09 -32.87 -5.27
C VAL A 194 -12.98 -32.43 -3.81
N LEU A 195 -13.66 -31.34 -3.44
CA LEU A 195 -13.61 -30.86 -2.07
C LEU A 195 -15.00 -30.52 -1.56
N GLU A 196 -15.45 -31.26 -0.56
CA GLU A 196 -16.84 -31.20 -0.08
C GLU A 196 -17.87 -31.25 -1.21
N GLY A 197 -17.67 -32.18 -2.14
CA GLY A 197 -18.60 -32.36 -3.26
C GLY A 197 -18.33 -31.44 -4.43
N LEU A 198 -17.51 -30.41 -4.19
CA LEU A 198 -17.22 -29.40 -5.20
C LEU A 198 -16.02 -29.79 -6.05
N THR A 199 -16.24 -29.81 -7.36
CA THR A 199 -15.26 -30.26 -8.32
C THR A 199 -14.53 -29.09 -8.95
N VAL A 200 -13.31 -29.34 -9.41
CA VAL A 200 -12.57 -28.37 -10.20
C VAL A 200 -13.18 -28.29 -11.60
N PRO A 201 -13.39 -27.07 -12.12
CA PRO A 201 -13.82 -26.91 -13.52
C PRO A 201 -12.94 -27.68 -14.48
N PRO A 202 -13.54 -28.62 -15.23
CA PRO A 202 -12.85 -29.49 -16.21
C PRO A 202 -11.85 -28.76 -17.12
N VAL A 203 -12.19 -27.58 -17.62
CA VAL A 203 -11.26 -26.81 -18.45
C VAL A 203 -9.87 -26.68 -17.84
N LEU A 204 -9.81 -26.52 -16.51
CA LEU A 204 -8.52 -26.37 -15.84
C LEU A 204 -7.72 -27.67 -15.84
N MET A 205 -8.43 -28.79 -16.04
CA MET A 205 -7.80 -30.11 -16.15
C MET A 205 -7.42 -30.48 -17.59
N SER A 206 -7.91 -29.71 -18.55
CA SER A 206 -7.83 -30.08 -19.97
C SER A 206 -6.42 -30.01 -20.55
N GLY A 207 -5.60 -29.11 -20.05
CA GLY A 207 -4.29 -28.87 -20.63
C GLY A 207 -4.37 -27.91 -21.82
N HIS A 208 -5.58 -27.62 -22.26
CA HIS A 208 -5.79 -26.67 -23.36
C HIS A 208 -5.49 -25.26 -22.87
N HIS A 209 -4.24 -24.84 -23.05
CA HIS A 209 -3.76 -23.58 -22.49
C HIS A 209 -4.53 -22.35 -22.99
N GLU A 210 -5.16 -22.46 -24.15
CA GLU A 210 -5.86 -21.33 -24.72
C GLU A 210 -7.30 -21.25 -24.21
N GLU A 211 -7.93 -22.40 -23.99
CA GLU A 211 -9.26 -22.40 -23.37
C GLU A 211 -9.16 -21.97 -21.91
N ILE A 212 -8.06 -22.33 -21.27
CA ILE A 212 -7.85 -21.97 -19.87
C ILE A 212 -7.70 -20.46 -19.76
N ARG A 213 -6.90 -19.87 -20.64
CA ARG A 213 -6.72 -18.42 -20.64
C ARG A 213 -8.06 -17.71 -20.79
N LYS A 214 -8.85 -18.15 -21.74
CA LYS A 214 -10.15 -17.55 -22.01
C LYS A 214 -11.15 -17.73 -20.86
N TRP A 215 -11.22 -18.94 -20.30
CA TRP A 215 -12.06 -19.18 -19.14
C TRP A 215 -11.68 -18.24 -17.98
N ARG A 216 -10.39 -18.09 -17.70
CA ARG A 216 -9.94 -17.19 -16.63
C ARG A 216 -10.33 -15.74 -16.87
N LEU A 217 -10.16 -15.29 -18.11
CA LEU A 217 -10.46 -13.90 -18.46
C LEU A 217 -11.96 -13.68 -18.36
N LYS A 218 -12.74 -14.61 -18.90
CA LYS A 218 -14.19 -14.57 -18.78
C LYS A 218 -14.64 -14.50 -17.32
N GLN A 219 -14.04 -15.34 -16.48
CA GLN A 219 -14.35 -15.32 -15.05
C GLN A 219 -14.04 -13.97 -14.43
N SER A 220 -12.89 -13.40 -14.79
CA SER A 220 -12.49 -12.10 -14.25
C SER A 220 -13.48 -11.01 -14.65
N LEU A 221 -13.86 -11.01 -15.93
CA LEU A 221 -14.85 -10.06 -16.43
C LEU A 221 -16.18 -10.22 -15.71
N GLN A 222 -16.67 -11.46 -15.59
CA GLN A 222 -17.93 -11.72 -14.89
C GLN A 222 -17.90 -11.28 -13.42
N ARG A 223 -16.86 -11.69 -12.70
CA ARG A 223 -16.71 -11.29 -11.30
C ARG A 223 -16.65 -9.78 -11.14
N THR A 224 -15.94 -9.12 -12.04
CA THR A 224 -15.81 -7.66 -11.96
C THR A 224 -17.16 -7.01 -12.19
N TRP A 225 -17.89 -7.50 -13.20
CA TRP A 225 -19.23 -7.02 -13.52
C TRP A 225 -20.24 -7.20 -12.39
N LEU A 226 -20.25 -8.37 -11.76
CA LEU A 226 -21.17 -8.65 -10.66
C LEU A 226 -20.79 -7.93 -9.35
N ARG A 227 -19.50 -7.85 -9.03
CA ARG A 227 -19.07 -7.32 -7.73
C ARG A 227 -18.71 -5.84 -7.77
N ARG A 228 -18.10 -5.41 -8.86
CA ARG A 228 -17.53 -4.08 -8.92
C ARG A 228 -17.77 -3.47 -10.30
N PRO A 229 -19.05 -3.32 -10.69
CA PRO A 229 -19.40 -2.89 -12.05
C PRO A 229 -18.74 -1.57 -12.42
N GLU A 230 -18.57 -0.67 -11.46
CA GLU A 230 -17.99 0.65 -11.75
C GLU A 230 -16.57 0.52 -12.31
N LEU A 231 -15.87 -0.56 -11.94
CA LEU A 231 -14.52 -0.77 -12.45
C LEU A 231 -14.47 -0.97 -13.96
N LEU A 232 -15.53 -1.55 -14.54
CA LEU A 232 -15.62 -1.75 -15.99
C LEU A 232 -15.74 -0.44 -16.77
N GLU A 233 -16.28 0.58 -16.13
CA GLU A 233 -16.52 1.86 -16.79
C GLU A 233 -15.23 2.61 -17.08
N GLY A 234 -14.18 2.33 -16.29
CA GLY A 234 -12.91 2.99 -16.49
C GLY A 234 -12.05 2.29 -17.53
N LEU A 235 -12.62 1.29 -18.17
CA LEU A 235 -11.85 0.45 -19.08
C LEU A 235 -12.32 0.52 -20.51
N ALA A 236 -11.35 0.43 -21.42
CA ALA A 236 -11.62 0.23 -22.84
C ALA A 236 -11.36 -1.25 -23.14
N LEU A 237 -12.42 -2.03 -23.09
CA LEU A 237 -12.31 -3.47 -23.29
C LEU A 237 -11.81 -3.84 -24.68
N THR A 238 -10.99 -4.87 -24.77
CA THR A 238 -10.64 -5.41 -26.07
C THR A 238 -11.86 -6.11 -26.68
N ASP A 239 -11.83 -6.36 -27.99
CA ASP A 239 -12.91 -7.11 -28.64
C ASP A 239 -13.14 -8.46 -27.95
N GLU A 240 -12.06 -9.14 -27.59
CA GLU A 240 -12.18 -10.43 -26.94
C GLU A 240 -12.87 -10.27 -25.59
N GLN A 241 -12.45 -9.24 -24.86
CA GLN A 241 -13.05 -8.97 -23.55
C GLN A 241 -14.53 -8.62 -23.67
N ARG A 242 -14.89 -7.79 -24.66
CA ARG A 242 -16.29 -7.43 -24.88
C ARG A 242 -17.12 -8.68 -25.14
N LYS A 243 -16.58 -9.57 -25.95
CA LYS A 243 -17.27 -10.80 -26.30
C LYS A 243 -17.47 -11.71 -25.07
N LEU A 244 -16.40 -11.92 -24.31
CA LEU A 244 -16.47 -12.83 -23.17
C LEU A 244 -17.39 -12.29 -22.09
N LEU A 245 -17.35 -10.98 -21.87
CA LEU A 245 -18.26 -10.33 -20.93
C LEU A 245 -19.72 -10.50 -21.34
N LYS A 246 -20.03 -10.21 -22.60
CA LYS A 246 -21.37 -10.40 -23.14
C LYS A 246 -21.84 -11.84 -22.97
N GLU A 247 -20.98 -12.79 -23.31
CA GLU A 247 -21.24 -14.21 -23.06
C GLU A 247 -21.63 -14.44 -21.59
N ALA A 248 -20.78 -13.94 -20.68
CA ALA A 248 -20.99 -14.11 -19.24
C ALA A 248 -22.33 -13.53 -18.81
N GLN A 249 -22.64 -12.34 -19.31
CA GLN A 249 -23.91 -11.70 -19.01
C GLN A 249 -25.13 -12.46 -19.58
N ALA A 250 -24.99 -13.05 -20.77
CA ALA A 250 -26.06 -13.90 -21.30
C ALA A 250 -26.30 -15.12 -20.42
N GLU A 251 -25.23 -15.83 -20.06
CA GLU A 251 -25.33 -17.00 -19.21
C GLU A 251 -25.91 -16.69 -17.83
N HIS A 252 -25.64 -15.48 -17.33
CA HIS A 252 -26.15 -15.07 -16.03
C HIS A 252 -27.67 -14.87 -16.09
N ASN A 253 -28.14 -14.21 -17.13
CA ASN A 253 -29.58 -13.98 -17.33
C ASN A 253 -30.39 -15.24 -17.62
#